data_1WCV
#
_entry.id   1WCV
#
_cell.length_a   61.353
_cell.length_b   61.353
_cell.length_c   124.526
_cell.angle_alpha   90.00
_cell.angle_beta   90.00
_cell.angle_gamma   90.00
#
_symmetry.space_group_name_H-M   'P 43 21 2'
#
loop_
_entity.id
_entity.type
_entity.pdbx_description
1 polymer 'SEGREGATION PROTEIN'
2 non-polymer 'CHLORIDE ION'
3 non-polymer 'IODIDE ION'
4 water water
#
_entity_poly.entity_id   1
_entity_poly.type   'polypeptide(L)'
_entity_poly.pdbx_seq_one_letter_code
;MLRAKVRRIALANQKGGVGKTTTAINLAAYLARLGKRVLLVDLDPQGNATSGLGVRAERGVYHLLQGEPLEGLVHPVDGF
HLLPATPDLVGATVELAGAPTALREALRDEGYDLVLLDAPPSLSPLTLNALAAAEGVVVPVQAEYYALEGVAGLLATLEE
VRAGLNPRLRLLGILVTMYDGRTLLAQQVEAQLRAHFGEKVFWTVIPRNVRLAEAPSFGKTIAQHAPTSPGAHAYRRLAE
EVMARVQEAGSHHHHHH
;
_entity_poly.pdbx_strand_id   1
#
loop_
_chem_comp.id
_chem_comp.type
_chem_comp.name
_chem_comp.formula
CL non-polymer 'CHLORIDE ION' 'Cl -1'
IOD non-polymer 'IODIDE ION' 'I -1'
#
# COMPACT_ATOMS: atom_id res chain seq x y z
N LYS A 5 3.31 -18.60 -0.44
CA LYS A 5 4.37 -17.56 -0.45
C LYS A 5 3.80 -16.20 -0.81
N VAL A 6 3.84 -15.27 0.15
CA VAL A 6 3.32 -13.92 -0.08
C VAL A 6 4.26 -13.15 -0.99
N ARG A 7 3.77 -12.78 -2.16
CA ARG A 7 4.56 -12.04 -3.13
C ARG A 7 3.86 -10.70 -3.41
N ARG A 8 2.54 -10.75 -3.49
CA ARG A 8 1.74 -9.56 -3.75
C ARG A 8 1.14 -9.04 -2.44
N ILE A 9 1.39 -7.77 -2.16
CA ILE A 9 0.91 -7.15 -0.94
C ILE A 9 0.06 -5.93 -1.27
N ALA A 10 -1.19 -5.95 -0.79
CA ALA A 10 -2.08 -4.84 -1.02
C ALA A 10 -2.01 -3.92 0.18
N LEU A 11 -1.97 -2.61 -0.07
CA LEU A 11 -1.96 -1.60 0.97
C LEU A 11 -3.40 -1.08 0.90
N ALA A 12 -4.18 -1.32 1.96
CA ALA A 12 -5.57 -0.88 1.94
C ALA A 12 -6.13 -0.58 3.32
N ASN A 13 -7.03 0.39 3.37
CA ASN A 13 -7.72 0.73 4.60
C ASN A 13 -9.08 1.24 4.18
N GLN A 14 -9.94 1.51 5.15
CA GLN A 14 -11.29 1.96 4.85
C GLN A 14 -11.39 3.39 4.32
N LYS A 15 -10.72 4.34 4.99
CA LYS A 15 -10.80 5.74 4.59
C LYS A 15 -9.62 6.31 3.80
N GLY A 16 -8.63 5.48 3.49
CA GLY A 16 -7.49 5.97 2.75
C GLY A 16 -6.66 6.91 3.58
N GLY A 17 -6.13 7.96 2.95
CA GLY A 17 -5.33 8.92 3.68
C GLY A 17 -3.89 8.95 3.20
N VAL A 18 -3.15 9.96 3.65
CA VAL A 18 -1.76 10.13 3.26
C VAL A 18 -0.87 9.00 3.80
N GLY A 19 -1.18 8.52 5.00
CA GLY A 19 -0.39 7.46 5.60
C GLY A 19 -0.31 6.21 4.75
N LYS A 20 -1.41 5.89 4.08
CA LYS A 20 -1.47 4.70 3.25
C LYS A 20 -0.55 4.81 2.04
N THR A 21 -0.65 5.92 1.32
CA THR A 21 0.18 6.11 0.14
C THR A 21 1.64 6.33 0.52
N THR A 22 1.87 7.03 1.62
CA THR A 22 3.24 7.25 2.08
C THR A 22 3.83 5.89 2.42
N THR A 23 3.01 4.99 2.94
CA THR A 23 3.49 3.66 3.28
C THR A 23 3.80 2.86 2.02
N ALA A 24 2.93 2.96 1.02
CA ALA A 24 3.15 2.22 -0.24
C ALA A 24 4.46 2.67 -0.88
N ILE A 25 4.65 3.98 -0.94
CA ILE A 25 5.85 4.56 -1.54
C ILE A 25 7.13 4.18 -0.83
N ASN A 26 7.14 4.38 0.49
CA ASN A 26 8.35 4.12 1.25
C ASN A 26 8.64 2.68 1.57
N LEU A 27 7.61 1.84 1.62
CA LEU A 27 7.82 0.42 1.87
C LEU A 27 8.54 -0.09 0.61
N ALA A 28 8.07 0.39 -0.54
CA ALA A 28 8.66 -0.01 -1.81
C ALA A 28 10.10 0.44 -1.90
N ALA A 29 10.36 1.67 -1.45
CA ALA A 29 11.71 2.23 -1.50
C ALA A 29 12.70 1.42 -0.66
N TYR A 30 12.28 1.01 0.53
CA TYR A 30 13.17 0.25 1.38
C TYR A 30 13.23 -1.23 1.07
N LEU A 31 12.17 -1.80 0.52
CA LEU A 31 12.22 -3.22 0.16
C LEU A 31 13.21 -3.31 -1.02
N ALA A 32 13.24 -2.28 -1.85
CA ALA A 32 14.16 -2.26 -2.99
C ALA A 32 15.60 -2.22 -2.47
N ARG A 33 15.83 -1.38 -1.46
CA ARG A 33 17.16 -1.26 -0.87
C ARG A 33 17.60 -2.52 -0.15
N LEU A 34 16.66 -3.44 0.09
CA LEU A 34 16.99 -4.69 0.74
C LEU A 34 17.42 -5.70 -0.32
N GLY A 35 17.46 -5.25 -1.57
CA GLY A 35 17.86 -6.11 -2.65
C GLY A 35 16.73 -6.88 -3.30
N LYS A 36 15.52 -6.35 -3.22
CA LYS A 36 14.36 -7.02 -3.80
C LYS A 36 13.93 -6.32 -5.09
N ARG A 37 13.51 -7.09 -6.08
CA ARG A 37 13.00 -6.51 -7.33
C ARG A 37 11.56 -6.18 -6.96
N VAL A 38 11.23 -4.90 -6.94
CA VAL A 38 9.89 -4.49 -6.52
C VAL A 38 9.09 -3.69 -7.53
N LEU A 39 7.81 -4.04 -7.62
CA LEU A 39 6.88 -3.34 -8.49
C LEU A 39 5.80 -2.69 -7.62
N LEU A 40 5.61 -1.39 -7.76
CA LEU A 40 4.57 -0.69 -7.01
C LEU A 40 3.52 -0.34 -8.05
N VAL A 41 2.29 -0.74 -7.79
CA VAL A 41 1.19 -0.47 -8.69
C VAL A 41 0.21 0.51 -8.05
N ASP A 42 0.02 1.65 -8.70
CA ASP A 42 -0.92 2.65 -8.20
C ASP A 42 -2.29 2.27 -8.76
N LEU A 43 -3.19 1.85 -7.88
CA LEU A 43 -4.53 1.46 -8.32
C LEU A 43 -5.58 2.51 -7.99
N ASP A 44 -5.14 3.67 -7.53
CA ASP A 44 -6.06 4.74 -7.19
C ASP A 44 -6.25 5.69 -8.35
N PRO A 45 -7.51 5.92 -8.77
CA PRO A 45 -7.77 6.82 -9.89
C PRO A 45 -7.19 8.22 -9.61
N GLN A 46 -6.98 8.52 -8.34
CA GLN A 46 -6.43 9.82 -7.94
C GLN A 46 -4.92 9.89 -8.20
N GLY A 47 -4.29 8.74 -8.38
CA GLY A 47 -2.86 8.71 -8.64
C GLY A 47 -1.97 9.38 -7.60
N ASN A 48 -2.30 9.21 -6.32
CA ASN A 48 -1.51 9.81 -5.25
C ASN A 48 -0.08 9.26 -5.20
N ALA A 49 0.06 7.94 -5.31
CA ALA A 49 1.38 7.32 -5.27
C ALA A 49 2.23 7.79 -6.47
N THR A 50 1.61 7.82 -7.64
CA THR A 50 2.28 8.23 -8.86
C THR A 50 2.79 9.67 -8.74
N SER A 51 1.93 10.55 -8.24
CA SER A 51 2.28 11.94 -8.05
C SER A 51 3.30 12.08 -6.92
N GLY A 52 3.23 11.17 -5.95
CA GLY A 52 4.15 11.22 -4.84
C GLY A 52 5.54 10.82 -5.26
N LEU A 53 5.64 10.26 -6.46
CA LEU A 53 6.91 9.82 -7.01
C LEU A 53 7.39 10.72 -8.14
N GLY A 54 6.68 11.82 -8.36
CA GLY A 54 7.05 12.76 -9.40
C GLY A 54 6.88 12.23 -10.81
N VAL A 55 6.03 11.22 -10.97
CA VAL A 55 5.79 10.63 -12.28
C VAL A 55 4.59 11.28 -12.96
N ARG A 56 4.68 11.42 -14.27
CA ARG A 56 3.62 12.02 -15.07
C ARG A 56 3.53 11.26 -16.39
N ALA A 57 2.73 10.20 -16.40
CA ALA A 57 2.57 9.38 -17.60
C ALA A 57 1.14 9.39 -18.10
N GLU A 58 0.95 9.00 -19.36
CA GLU A 58 -0.38 8.96 -19.95
C GLU A 58 -0.78 7.50 -20.18
N ARG A 59 0.14 6.60 -19.81
CA ARG A 59 -0.08 5.17 -19.93
C ARG A 59 0.07 4.56 -18.54
N GLY A 60 -0.90 3.75 -18.13
CA GLY A 60 -0.83 3.15 -16.80
C GLY A 60 -1.47 1.78 -16.67
N VAL A 61 -1.95 1.51 -15.46
CA VAL A 61 -2.59 0.24 -15.14
C VAL A 61 -3.83 -0.04 -15.99
N TYR A 62 -4.49 1.01 -16.45
CA TYR A 62 -5.69 0.84 -17.26
C TYR A 62 -5.34 0.10 -18.54
N HIS A 63 -4.20 0.45 -19.12
CA HIS A 63 -3.74 -0.19 -20.35
C HIS A 63 -3.30 -1.62 -20.08
N LEU A 64 -2.87 -1.88 -18.85
CA LEU A 64 -2.45 -3.22 -18.47
C LEU A 64 -3.69 -4.11 -18.55
N LEU A 65 -4.79 -3.61 -18.01
CA LEU A 65 -6.05 -4.35 -18.02
C LEU A 65 -6.59 -4.26 -19.44
N GLN A 66 -6.11 -3.25 -20.17
CA GLN A 66 -6.52 -3.01 -21.54
C GLN A 66 -5.65 -3.78 -22.53
N GLY A 67 -4.91 -4.76 -22.03
CA GLY A 67 -4.07 -5.59 -22.89
C GLY A 67 -2.60 -5.27 -23.05
N GLU A 68 -2.24 -3.98 -23.10
CA GLU A 68 -0.86 -3.57 -23.28
C GLU A 68 0.11 -4.14 -22.23
N PRO A 69 1.21 -4.76 -22.70
CA PRO A 69 2.28 -5.39 -21.88
C PRO A 69 2.86 -4.54 -20.75
N LEU A 70 3.15 -5.20 -19.63
CA LEU A 70 3.69 -4.55 -18.45
C LEU A 70 5.06 -3.92 -18.66
N GLU A 71 5.99 -4.68 -19.20
CA GLU A 71 7.36 -4.21 -19.43
C GLU A 71 7.46 -2.84 -20.09
N GLY A 72 6.46 -2.48 -20.90
CA GLY A 72 6.47 -1.21 -21.57
C GLY A 72 5.67 -0.13 -20.86
N LEU A 73 5.14 -0.46 -19.69
CA LEU A 73 4.33 0.48 -18.92
C LEU A 73 4.99 0.92 -17.62
N VAL A 74 5.89 0.10 -17.08
CA VAL A 74 6.57 0.42 -15.84
C VAL A 74 7.58 1.55 -15.97
N HIS A 75 7.66 2.37 -14.92
CA HIS A 75 8.58 3.51 -14.85
C HIS A 75 9.59 3.27 -13.74
N PRO A 76 10.89 3.32 -14.06
CA PRO A 76 11.89 3.10 -13.00
C PRO A 76 11.97 4.31 -12.07
N VAL A 77 11.96 4.05 -10.77
CA VAL A 77 12.03 5.13 -9.80
C VAL A 77 12.63 4.65 -8.49
N ASP A 78 13.54 5.45 -7.95
CA ASP A 78 14.23 5.18 -6.69
C ASP A 78 14.56 3.71 -6.44
N GLY A 79 15.08 3.03 -7.44
CA GLY A 79 15.44 1.64 -7.27
C GLY A 79 14.38 0.60 -7.51
N PHE A 80 13.14 1.01 -7.78
CA PHE A 80 12.09 0.03 -8.06
C PHE A 80 11.29 0.43 -9.30
N HIS A 81 10.26 -0.34 -9.62
CA HIS A 81 9.43 -0.04 -10.78
C HIS A 81 8.01 0.33 -10.38
N LEU A 82 7.48 1.36 -11.04
CA LEU A 82 6.12 1.84 -10.79
C LEU A 82 5.21 1.68 -12.00
N LEU A 83 4.04 1.10 -11.79
CA LEU A 83 3.05 0.95 -12.85
C LEU A 83 2.09 2.07 -12.46
N PRO A 84 2.26 3.26 -13.04
CA PRO A 84 1.45 4.44 -12.76
C PRO A 84 -0.05 4.38 -13.02
N ALA A 85 -0.74 5.35 -12.44
CA ALA A 85 -2.18 5.48 -12.59
C ALA A 85 -2.42 6.83 -13.26
N THR A 86 -3.49 6.90 -14.04
CA THR A 86 -3.85 8.13 -14.75
C THR A 86 -5.34 8.37 -14.57
N PRO A 87 -5.83 9.56 -14.95
CA PRO A 87 -7.26 9.84 -14.79
C PRO A 87 -8.08 8.96 -15.75
N ASP A 88 -7.39 8.02 -16.38
CA ASP A 88 -7.98 7.09 -17.33
C ASP A 88 -8.44 5.83 -16.60
N LEU A 89 -7.79 5.56 -15.46
CA LEU A 89 -8.09 4.38 -14.66
C LEU A 89 -9.58 4.28 -14.34
N VAL A 90 -10.20 5.44 -14.12
CA VAL A 90 -11.63 5.50 -13.80
C VAL A 90 -12.53 4.65 -14.71
N GLY A 91 -12.24 4.67 -16.02
CA GLY A 91 -12.98 3.88 -17.00
C GLY A 91 -13.15 2.44 -16.56
N ALA A 92 -12.06 1.68 -16.46
CA ALA A 92 -12.11 0.26 -16.08
C ALA A 92 -12.95 -0.10 -14.84
N THR A 93 -13.09 0.80 -13.86
CA THR A 93 -13.88 0.51 -12.65
C THR A 93 -15.35 0.21 -12.98
N VAL A 94 -15.86 0.89 -13.99
CA VAL A 94 -17.20 0.63 -14.42
C VAL A 94 -17.23 -0.86 -14.78
N GLU A 95 -16.30 -1.32 -15.62
CA GLU A 95 -16.18 -2.74 -16.08
C GLU A 95 -15.55 -3.76 -15.10
N LEU A 96 -14.64 -3.28 -14.25
CA LEU A 96 -13.99 -4.13 -13.27
C LEU A 96 -15.05 -4.58 -12.28
N ALA A 97 -16.11 -3.79 -12.17
CA ALA A 97 -17.21 -4.15 -11.29
C ALA A 97 -17.87 -5.36 -11.92
N GLY A 98 -17.86 -6.48 -11.19
CA GLY A 98 -18.42 -7.70 -11.72
C GLY A 98 -17.28 -8.57 -12.24
N ALA A 99 -16.08 -7.98 -12.27
CA ALA A 99 -14.87 -8.67 -12.73
C ALA A 99 -13.78 -8.43 -11.68
N PRO A 100 -13.94 -9.04 -10.50
CA PRO A 100 -13.02 -8.95 -9.36
C PRO A 100 -11.62 -9.54 -9.56
N THR A 101 -11.50 -10.55 -10.42
CA THR A 101 -10.20 -11.18 -10.65
C THR A 101 -9.48 -10.63 -11.87
N ALA A 102 -9.95 -9.50 -12.37
CA ALA A 102 -9.36 -8.88 -13.55
C ALA A 102 -7.86 -8.63 -13.34
N LEU A 103 -7.55 -7.69 -12.45
CA LEU A 103 -6.18 -7.35 -12.15
C LEU A 103 -5.31 -8.58 -11.99
N ARG A 104 -5.76 -9.51 -11.16
CA ARG A 104 -5.01 -10.74 -10.91
C ARG A 104 -4.55 -11.45 -12.18
N GLU A 105 -5.46 -11.65 -13.12
CA GLU A 105 -5.14 -12.33 -14.36
C GLU A 105 -4.30 -11.48 -15.30
N ALA A 106 -4.29 -10.17 -15.08
CA ALA A 106 -3.53 -9.27 -15.93
C ALA A 106 -2.18 -8.88 -15.32
N LEU A 107 -1.92 -9.36 -14.11
CA LEU A 107 -0.66 -9.05 -13.43
C LEU A 107 0.43 -10.08 -13.72
N ARG A 108 1.04 -9.98 -14.90
CA ARG A 108 2.10 -10.91 -15.26
C ARG A 108 3.41 -10.31 -14.75
N ASP A 109 3.55 -10.31 -13.42
CA ASP A 109 4.71 -9.75 -12.74
C ASP A 109 5.64 -10.83 -12.18
N GLU A 110 5.65 -12.00 -12.81
CA GLU A 110 6.49 -13.09 -12.35
C GLU A 110 7.96 -12.72 -12.26
N GLY A 111 8.35 -11.59 -12.86
CA GLY A 111 9.73 -11.18 -12.81
C GLY A 111 10.13 -10.41 -11.55
N TYR A 112 9.17 -10.16 -10.68
CA TYR A 112 9.44 -9.42 -9.45
C TYR A 112 9.41 -10.31 -8.21
N ASP A 113 10.14 -9.89 -7.18
CA ASP A 113 10.16 -10.61 -5.92
C ASP A 113 8.91 -10.20 -5.14
N LEU A 114 8.63 -8.90 -5.15
CA LEU A 114 7.49 -8.34 -4.44
C LEU A 114 6.70 -7.31 -5.25
N VAL A 115 5.38 -7.37 -5.13
CA VAL A 115 4.50 -6.45 -5.83
C VAL A 115 3.59 -5.76 -4.82
N LEU A 116 3.68 -4.43 -4.74
CA LEU A 116 2.84 -3.67 -3.81
C LEU A 116 1.71 -3.01 -4.56
N LEU A 117 0.49 -3.17 -4.07
CA LEU A 117 -0.67 -2.57 -4.73
C LEU A 117 -1.29 -1.50 -3.86
N ASP A 118 -1.16 -0.24 -4.26
CA ASP A 118 -1.72 0.86 -3.48
C ASP A 118 -3.19 1.01 -3.87
N ALA A 119 -4.07 0.40 -3.07
CA ALA A 119 -5.51 0.41 -3.32
C ALA A 119 -6.25 1.65 -2.87
N PRO A 120 -7.28 2.05 -3.62
CA PRO A 120 -8.05 3.23 -3.24
C PRO A 120 -8.93 2.87 -2.04
N PRO A 121 -9.43 3.88 -1.32
CA PRO A 121 -10.27 3.61 -0.15
C PRO A 121 -11.72 3.32 -0.54
N SER A 122 -12.56 3.09 0.46
CA SER A 122 -13.99 2.84 0.28
C SER A 122 -14.37 1.61 -0.54
N LEU A 123 -13.47 0.63 -0.59
CA LEU A 123 -13.75 -0.60 -1.32
C LEU A 123 -14.47 -0.38 -2.66
N SER A 124 -13.72 0.05 -3.66
CA SER A 124 -14.28 0.26 -4.99
C SER A 124 -13.91 -0.98 -5.79
N PRO A 125 -14.34 -1.08 -7.05
CA PRO A 125 -13.95 -2.28 -7.78
C PRO A 125 -12.42 -2.42 -7.87
N LEU A 126 -11.72 -1.29 -7.79
CA LEU A 126 -10.26 -1.30 -7.85
C LEU A 126 -9.69 -1.83 -6.54
N THR A 127 -10.33 -1.47 -5.44
CA THR A 127 -9.87 -1.95 -4.13
C THR A 127 -10.09 -3.46 -4.13
N LEU A 128 -11.28 -3.87 -4.55
CA LEU A 128 -11.63 -5.28 -4.57
C LEU A 128 -10.68 -6.04 -5.48
N ASN A 129 -10.33 -5.48 -6.62
CA ASN A 129 -9.42 -6.15 -7.53
C ASN A 129 -8.04 -6.33 -6.89
N ALA A 130 -7.66 -5.40 -6.02
CA ALA A 130 -6.38 -5.48 -5.34
C ALA A 130 -6.42 -6.64 -4.35
N LEU A 131 -7.51 -6.72 -3.60
CA LEU A 131 -7.68 -7.76 -2.60
C LEU A 131 -7.80 -9.14 -3.21
N ALA A 132 -8.38 -9.21 -4.41
CA ALA A 132 -8.55 -10.49 -5.08
C ALA A 132 -7.26 -10.99 -5.71
N ALA A 133 -6.30 -10.10 -5.89
CA ALA A 133 -5.02 -10.46 -6.51
C ALA A 133 -3.87 -10.63 -5.51
N ALA A 134 -4.00 -10.03 -4.34
CA ALA A 134 -2.94 -10.09 -3.34
C ALA A 134 -2.95 -11.34 -2.48
N GLU A 135 -1.83 -11.60 -1.81
CA GLU A 135 -1.75 -12.73 -0.89
C GLU A 135 -1.66 -12.15 0.52
N GLY A 136 -1.07 -10.96 0.63
CA GLY A 136 -0.94 -10.33 1.94
C GLY A 136 -1.49 -8.92 1.92
N VAL A 137 -1.96 -8.45 3.06
CA VAL A 137 -2.51 -7.09 3.15
C VAL A 137 -1.88 -6.33 4.31
N VAL A 138 -1.51 -5.08 4.05
CA VAL A 138 -0.97 -4.21 5.10
C VAL A 138 -2.03 -3.12 5.20
N VAL A 139 -2.56 -2.94 6.40
CA VAL A 139 -3.61 -1.96 6.66
C VAL A 139 -3.02 -0.78 7.41
N PRO A 140 -2.73 0.32 6.70
CA PRO A 140 -2.14 1.52 7.33
C PRO A 140 -3.26 2.36 7.92
N VAL A 141 -3.20 2.63 9.21
CA VAL A 141 -4.23 3.42 9.85
C VAL A 141 -3.59 4.54 10.65
N GLN A 142 -4.35 5.58 10.93
CA GLN A 142 -3.84 6.67 11.73
C GLN A 142 -4.17 6.38 13.18
N ALA A 143 -3.36 6.92 14.07
CA ALA A 143 -3.56 6.69 15.50
C ALA A 143 -4.72 7.52 16.05
N GLU A 144 -5.93 7.19 15.59
CA GLU A 144 -7.15 7.87 16.01
C GLU A 144 -8.12 6.79 16.45
N TYR A 145 -9.02 7.11 17.37
CA TYR A 145 -9.96 6.12 17.87
C TYR A 145 -10.83 5.44 16.80
N TYR A 146 -11.11 6.14 15.70
CA TYR A 146 -11.94 5.52 14.68
C TYR A 146 -11.26 4.29 14.08
N ALA A 147 -9.95 4.23 14.18
CA ALA A 147 -9.21 3.11 13.60
C ALA A 147 -9.69 1.77 14.15
N LEU A 148 -10.18 1.76 15.39
CA LEU A 148 -10.66 0.53 15.99
C LEU A 148 -11.79 -0.08 15.15
N GLU A 149 -12.79 0.73 14.81
CA GLU A 149 -13.90 0.23 14.00
C GLU A 149 -13.51 0.15 12.52
N GLY A 150 -12.68 1.08 12.06
CA GLY A 150 -12.25 1.06 10.67
C GLY A 150 -11.50 -0.22 10.34
N VAL A 151 -10.61 -0.62 11.23
CA VAL A 151 -9.85 -1.84 11.02
C VAL A 151 -10.78 -3.04 11.10
N ALA A 152 -11.66 -3.06 12.09
CA ALA A 152 -12.59 -4.18 12.24
C ALA A 152 -13.38 -4.39 10.94
N GLY A 153 -13.81 -3.30 10.34
CA GLY A 153 -14.57 -3.40 9.11
C GLY A 153 -13.72 -4.02 8.00
N LEU A 154 -12.51 -3.49 7.82
CA LEU A 154 -11.65 -4.02 6.78
C LEU A 154 -11.30 -5.50 6.99
N LEU A 155 -11.09 -5.90 8.24
CA LEU A 155 -10.77 -7.31 8.49
C LEU A 155 -11.96 -8.21 8.15
N ALA A 156 -13.17 -7.72 8.38
CA ALA A 156 -14.35 -8.52 8.04
C ALA A 156 -14.41 -8.66 6.52
N THR A 157 -14.06 -7.58 5.82
CA THR A 157 -14.06 -7.60 4.37
C THR A 157 -13.02 -8.62 3.88
N LEU A 158 -11.84 -8.62 4.48
CA LEU A 158 -10.79 -9.55 4.08
C LEU A 158 -11.27 -10.99 4.25
N GLU A 159 -11.99 -11.23 5.34
CA GLU A 159 -12.52 -12.56 5.60
C GLU A 159 -13.47 -13.00 4.51
N GLU A 160 -14.35 -12.09 4.11
CA GLU A 160 -15.33 -12.39 3.08
C GLU A 160 -14.68 -12.55 1.71
N VAL A 161 -13.66 -11.75 1.43
CA VAL A 161 -12.97 -11.86 0.15
C VAL A 161 -12.21 -13.17 0.10
N ARG A 162 -11.63 -13.56 1.23
CA ARG A 162 -10.88 -14.81 1.28
C ARG A 162 -11.82 -15.98 1.03
N ALA A 163 -13.00 -15.91 1.64
CA ALA A 163 -13.99 -16.97 1.50
C ALA A 163 -14.61 -17.08 0.12
N GLY A 164 -14.86 -15.97 -0.55
CA GLY A 164 -15.49 -16.05 -1.86
C GLY A 164 -14.71 -15.74 -3.12
N LEU A 165 -13.54 -15.10 -3.00
CA LEU A 165 -12.79 -14.73 -4.19
C LEU A 165 -11.30 -15.04 -4.22
N ASN A 166 -10.67 -15.11 -3.04
CA ASN A 166 -9.23 -15.35 -3.00
C ASN A 166 -8.80 -16.06 -1.73
N PRO A 167 -8.76 -17.40 -1.76
CA PRO A 167 -8.38 -18.27 -0.65
C PRO A 167 -7.01 -17.97 -0.02
N ARG A 168 -6.09 -17.43 -0.80
CA ARG A 168 -4.77 -17.15 -0.23
C ARG A 168 -4.62 -15.77 0.42
N LEU A 169 -5.71 -15.02 0.48
CA LEU A 169 -5.66 -13.69 1.09
C LEU A 169 -5.50 -13.76 2.61
N ARG A 170 -4.51 -13.05 3.12
CA ARG A 170 -4.26 -13.01 4.56
C ARG A 170 -3.76 -11.63 4.97
N LEU A 171 -4.02 -11.30 6.22
CA LEU A 171 -3.58 -10.03 6.76
C LEU A 171 -2.10 -10.16 7.11
N LEU A 172 -1.25 -9.27 6.58
CA LEU A 172 0.15 -9.32 6.94
C LEU A 172 0.27 -8.54 8.25
N GLY A 173 -0.37 -7.38 8.30
CA GLY A 173 -0.35 -6.61 9.53
C GLY A 173 -1.02 -5.26 9.46
N ILE A 174 -1.36 -4.72 10.63
CA ILE A 174 -1.96 -3.41 10.76
C ILE A 174 -0.81 -2.48 11.11
N LEU A 175 -0.70 -1.37 10.39
CA LEU A 175 0.39 -0.41 10.62
C LEU A 175 -0.12 0.92 11.14
N VAL A 176 0.38 1.34 12.30
CA VAL A 176 0.00 2.63 12.86
C VAL A 176 0.89 3.69 12.20
N THR A 177 0.26 4.67 11.56
CA THR A 177 0.99 5.74 10.90
C THR A 177 0.56 7.07 11.50
N MET A 178 1.28 8.14 11.14
CA MET A 178 0.97 9.48 11.62
C MET A 178 0.82 9.57 13.13
N TYR A 179 1.62 8.77 13.83
CA TYR A 179 1.62 8.78 15.29
C TYR A 179 2.07 10.17 15.75
N ASP A 180 1.17 10.92 16.38
CA ASP A 180 1.48 12.27 16.86
C ASP A 180 2.23 12.25 18.18
N GLY A 181 3.55 12.29 18.10
CA GLY A 181 4.38 12.25 19.29
C GLY A 181 4.25 13.44 20.21
N ARG A 182 3.48 14.45 19.82
CA ARG A 182 3.31 15.62 20.67
C ARG A 182 2.37 15.32 21.82
N THR A 183 1.59 14.26 21.68
CA THR A 183 0.58 13.91 22.67
C THR A 183 0.71 12.52 23.27
N LEU A 184 -0.01 12.30 24.36
CA LEU A 184 -0.03 11.01 25.02
C LEU A 184 -1.27 10.27 24.51
N LEU A 185 -2.10 10.99 23.75
CA LEU A 185 -3.32 10.41 23.18
C LEU A 185 -2.93 9.35 22.18
N ALA A 186 -1.87 9.63 21.41
CA ALA A 186 -1.37 8.68 20.43
C ALA A 186 -1.05 7.38 21.14
N GLN A 187 -0.38 7.48 22.29
CA GLN A 187 -0.02 6.30 23.08
C GLN A 187 -1.25 5.48 23.43
N GLN A 188 -2.31 6.15 23.88
CA GLN A 188 -3.54 5.47 24.28
C GLN A 188 -4.23 4.75 23.13
N VAL A 189 -4.27 5.37 21.97
CA VAL A 189 -4.91 4.72 20.84
C VAL A 189 -4.12 3.50 20.39
N GLU A 190 -2.79 3.61 20.35
CA GLU A 190 -1.96 2.48 19.94
C GLU A 190 -2.18 1.32 20.90
N ALA A 191 -2.15 1.62 22.19
CA ALA A 191 -2.33 0.61 23.22
C ALA A 191 -3.65 -0.11 23.02
N GLN A 192 -4.69 0.63 22.68
CA GLN A 192 -6.00 0.01 22.46
C GLN A 192 -5.99 -0.82 21.17
N LEU A 193 -5.29 -0.37 20.14
CA LEU A 193 -5.23 -1.15 18.92
C LEU A 193 -4.53 -2.49 19.20
N ARG A 194 -3.47 -2.46 20.00
CA ARG A 194 -2.75 -3.68 20.32
C ARG A 194 -3.56 -4.57 21.25
N ALA A 195 -4.30 -3.96 22.17
CA ALA A 195 -5.14 -4.73 23.08
C ALA A 195 -6.23 -5.45 22.30
N HIS A 196 -6.80 -4.77 21.30
CA HIS A 196 -7.88 -5.38 20.53
C HIS A 196 -7.44 -6.28 19.37
N PHE A 197 -6.34 -5.92 18.69
CA PHE A 197 -5.88 -6.72 17.55
C PHE A 197 -4.60 -7.52 17.80
N GLY A 198 -4.00 -7.31 18.96
CA GLY A 198 -2.80 -8.04 19.32
C GLY A 198 -1.62 -8.07 18.36
N GLU A 199 -1.10 -9.27 18.12
CA GLU A 199 0.05 -9.49 17.26
C GLU A 199 -0.14 -9.00 15.82
N LYS A 200 -1.38 -8.77 15.42
CA LYS A 200 -1.66 -8.30 14.08
C LYS A 200 -1.07 -6.91 13.83
N VAL A 201 -0.84 -6.16 14.90
CA VAL A 201 -0.31 -4.81 14.74
C VAL A 201 1.21 -4.84 14.70
N PHE A 202 1.79 -4.25 13.67
CA PHE A 202 3.24 -4.19 13.54
C PHE A 202 3.80 -3.44 14.74
N TRP A 203 4.98 -3.84 15.20
CA TRP A 203 5.63 -3.16 16.31
C TRP A 203 6.23 -1.85 15.84
N THR A 204 6.65 -1.79 14.57
CA THR A 204 7.20 -0.55 14.03
C THR A 204 6.02 0.40 13.80
N VAL A 205 6.16 1.62 14.28
CA VAL A 205 5.13 2.63 14.15
C VAL A 205 5.74 3.79 13.39
N ILE A 206 5.00 4.36 12.44
CA ILE A 206 5.51 5.49 11.66
C ILE A 206 5.10 6.79 12.35
N PRO A 207 6.08 7.63 12.72
CA PRO A 207 5.78 8.89 13.40
C PRO A 207 5.32 10.01 12.49
N ARG A 208 4.55 10.93 13.05
CA ARG A 208 4.14 12.09 12.28
C ARG A 208 5.45 12.87 12.24
N ASN A 209 5.85 13.34 11.06
CA ASN A 209 7.08 14.08 10.92
C ASN A 209 7.01 14.98 9.70
N VAL A 210 7.47 16.21 9.85
CA VAL A 210 7.46 17.21 8.79
C VAL A 210 8.09 16.78 7.47
N ARG A 211 9.27 16.17 7.53
CA ARG A 211 9.95 15.73 6.33
C ARG A 211 9.19 14.64 5.59
N LEU A 212 8.51 13.79 6.35
CA LEU A 212 7.74 12.70 5.77
C LEU A 212 6.49 13.28 5.11
N ALA A 213 5.88 14.24 5.78
CA ALA A 213 4.66 14.88 5.26
C ALA A 213 4.94 15.61 3.96
N GLU A 214 6.13 16.20 3.84
CA GLU A 214 6.48 16.95 2.63
C GLU A 214 7.05 16.14 1.46
N ALA A 215 7.59 14.97 1.72
CA ALA A 215 8.18 14.14 0.66
C ALA A 215 7.33 14.01 -0.62
N PRO A 216 6.02 13.73 -0.48
CA PRO A 216 5.19 13.59 -1.67
C PRO A 216 5.13 14.87 -2.52
N SER A 217 5.10 16.02 -1.87
CA SER A 217 5.04 17.29 -2.60
C SER A 217 6.32 17.48 -3.43
N PHE A 218 7.41 16.92 -2.95
CA PHE A 218 8.69 17.01 -3.65
C PHE A 218 8.77 15.91 -4.69
N GLY A 219 7.84 14.95 -4.62
CA GLY A 219 7.85 13.85 -5.56
C GLY A 219 9.02 12.91 -5.31
N LYS A 220 9.42 12.77 -4.05
CA LYS A 220 10.54 11.90 -3.71
C LYS A 220 10.22 11.00 -2.53
N THR A 221 10.86 9.83 -2.50
CA THR A 221 10.63 8.92 -1.38
C THR A 221 11.34 9.54 -0.18
N ILE A 222 11.02 9.11 1.03
CA ILE A 222 11.68 9.69 2.19
C ILE A 222 13.17 9.32 2.18
N ALA A 223 13.52 8.22 1.54
CA ALA A 223 14.93 7.82 1.46
C ALA A 223 15.69 8.85 0.61
N GLN A 224 15.03 9.39 -0.41
CA GLN A 224 15.65 10.38 -1.29
C GLN A 224 15.62 11.77 -0.65
N HIS A 225 14.50 12.10 -0.04
CA HIS A 225 14.30 13.42 0.57
C HIS A 225 15.00 13.72 1.89
N ALA A 226 14.94 12.77 2.83
CA ALA A 226 15.56 12.96 4.13
C ALA A 226 15.84 11.59 4.72
N PRO A 227 16.88 10.91 4.21
CA PRO A 227 17.28 9.57 4.65
C PRO A 227 17.60 9.34 6.13
N THR A 228 17.86 10.41 6.88
CA THR A 228 18.13 10.23 8.29
C THR A 228 17.04 10.82 9.18
N SER A 229 15.90 11.16 8.60
CA SER A 229 14.77 11.69 9.38
C SER A 229 14.10 10.50 10.05
N PRO A 230 13.35 10.74 11.15
CA PRO A 230 12.67 9.67 11.89
C PRO A 230 11.83 8.73 11.03
N GLY A 231 11.08 9.30 10.08
CA GLY A 231 10.25 8.49 9.20
C GLY A 231 11.07 7.56 8.32
N ALA A 232 12.24 8.00 7.92
CA ALA A 232 13.11 7.17 7.09
C ALA A 232 13.57 5.97 7.90
N HIS A 233 14.00 6.21 9.15
CA HIS A 233 14.47 5.11 9.99
C HIS A 233 13.33 4.13 10.27
N ALA A 234 12.12 4.66 10.47
CA ALA A 234 10.97 3.80 10.74
C ALA A 234 10.60 2.95 9.51
N TYR A 235 10.58 3.56 8.33
CA TYR A 235 10.24 2.76 7.14
C TYR A 235 11.31 1.74 6.80
N ARG A 236 12.57 2.02 7.16
CA ARG A 236 13.64 1.08 6.91
C ARG A 236 13.37 -0.14 7.79
N ARG A 237 13.01 0.11 9.04
CA ARG A 237 12.73 -0.94 10.00
C ARG A 237 11.46 -1.70 9.61
N LEU A 238 10.46 -0.99 9.12
CA LEU A 238 9.22 -1.64 8.71
C LEU A 238 9.47 -2.65 7.60
N ALA A 239 10.31 -2.29 6.64
CA ALA A 239 10.60 -3.21 5.54
C ALA A 239 11.15 -4.51 6.11
N GLU A 240 11.96 -4.40 7.16
CA GLU A 240 12.52 -5.59 7.80
C GLU A 240 11.42 -6.38 8.52
N GLU A 241 10.50 -5.67 9.17
CA GLU A 241 9.44 -6.34 9.89
C GLU A 241 8.49 -7.00 8.90
N VAL A 242 8.24 -6.32 7.78
CA VAL A 242 7.37 -6.88 6.76
C VAL A 242 8.03 -8.14 6.18
N MET A 243 9.33 -8.09 5.87
CA MET A 243 9.97 -9.28 5.33
C MET A 243 9.95 -10.44 6.33
N ALA A 244 10.08 -10.11 7.62
CA ALA A 244 10.04 -11.14 8.64
C ALA A 244 8.67 -11.83 8.62
N ARG A 245 7.61 -11.06 8.49
CA ARG A 245 6.28 -11.64 8.44
C ARG A 245 6.05 -12.42 7.16
N VAL A 246 6.56 -11.92 6.03
CA VAL A 246 6.40 -12.64 4.76
C VAL A 246 7.04 -14.01 4.90
N GLN A 247 8.26 -14.05 5.43
CA GLN A 247 8.97 -15.31 5.61
C GLN A 247 8.26 -16.20 6.64
N GLU A 248 7.81 -15.68 7.68
CL CL B . 15.08 -13.90 -35.58
CL CL C . 11.24 -9.82 -32.55
I IOD D . 15.44 8.16 15.01
I IOD E . -14.37 -2.07 4.60
I IOD F . -9.27 3.27 9.06
I IOD G . 3.33 12.46 8.38
I IOD H . -17.67 -11.99 -2.07
#